data_9S7R
#
_entry.id   9S7R
#
_cell.length_a   29.090
_cell.length_b   64.650
_cell.length_c   46.710
_cell.angle_alpha   90.00
_cell.angle_beta   107.87
_cell.angle_gamma   90.00
#
_symmetry.space_group_name_H-M   'P 1 21 1'
#
loop_
_entity.id
_entity.type
_entity.pdbx_description
1 polymer MID1sc9_4xE
2 water water
#
_entity_poly.entity_id   1
_entity_poly.type   'polypeptide(L)'
_entity_poly.pdbx_seq_one_letter_code
;GGMGPLAQQIKNTLTFIGQANAAGRMDEVRTLQENLEPLWEEYFQQTEGSGGSPLAQQIEYGEVLIEQARAAGRMDEVRR
LSENTLQLMKEYFQQSD
;
_entity_poly.pdbx_strand_id   A,B
#
# COMPACT_ATOMS: atom_id res chain seq x y z
N GLY A 4 -8.64 10.11 8.14
CA GLY A 4 -9.85 9.31 8.52
C GLY A 4 -9.98 8.03 7.69
N PRO A 5 -10.19 8.14 6.37
CA PRO A 5 -10.31 6.96 5.51
C PRO A 5 -9.10 6.01 5.57
N LEU A 6 -7.88 6.55 5.63
CA LEU A 6 -6.66 5.72 5.69
C LEU A 6 -6.59 5.01 7.05
N ALA A 7 -6.84 5.73 8.15
CA ALA A 7 -6.93 5.10 9.48
C ALA A 7 -7.95 3.96 9.46
N GLN A 8 -9.11 4.21 8.84
CA GLN A 8 -10.19 3.20 8.78
C GLN A 8 -9.68 1.97 8.01
N GLN A 9 -8.98 2.17 6.90
CA GLN A 9 -8.45 1.04 6.12
C GLN A 9 -7.44 0.26 6.96
N ILE A 10 -6.59 0.94 7.73
CA ILE A 10 -5.60 0.24 8.61
C ILE A 10 -6.36 -0.57 9.67
N LYS A 11 -7.34 0.05 10.31
CA LYS A 11 -8.16 -0.64 11.35
C LYS A 11 -8.83 -1.86 10.74
N ASN A 12 -9.39 -1.71 9.54
CA ASN A 12 -10.06 -2.85 8.86
C ASN A 12 -9.03 -3.96 8.63
N THR A 13 -7.82 -3.61 8.19
CA THR A 13 -6.74 -4.60 7.93
C THR A 13 -6.40 -5.33 9.23
N LEU A 14 -6.31 -4.63 10.36
CA LEU A 14 -6.05 -5.28 11.66
C LEU A 14 -7.18 -6.27 11.95
N THR A 15 -8.44 -5.88 11.71
CA THR A 15 -9.61 -6.77 11.91
C THR A 15 -9.44 -8.02 11.03
N PHE A 16 -9.11 -7.83 9.76
CA PHE A 16 -9.00 -8.97 8.81
C PHE A 16 -7.86 -9.88 9.26
N ILE A 17 -6.77 -9.31 9.77
CA ILE A 17 -5.65 -10.16 10.27
C ILE A 17 -6.17 -11.01 11.44
N GLY A 18 -6.95 -10.42 12.33
CA GLY A 18 -7.53 -11.15 13.48
C GLY A 18 -8.41 -12.28 13.01
N GLN A 19 -9.26 -11.99 12.04
CA GLN A 19 -10.20 -13.00 11.48
C GLN A 19 -9.43 -14.12 10.79
N ALA A 20 -8.45 -13.77 9.96
CA ALA A 20 -7.63 -14.77 9.23
C ALA A 20 -6.89 -15.64 10.26
N ASN A 21 -6.32 -15.03 11.30
CA ASN A 21 -5.60 -15.76 12.39
C ASN A 21 -6.58 -16.73 13.04
N ALA A 22 -7.79 -16.26 13.39
CA ALA A 22 -8.82 -17.08 14.09
C ALA A 22 -9.27 -18.24 13.21
N ALA A 23 -9.16 -18.10 11.88
CA ALA A 23 -9.56 -19.12 10.88
C ALA A 23 -8.38 -20.06 10.55
N GLY A 24 -7.20 -19.85 11.14
CA GLY A 24 -5.99 -20.64 10.86
C GLY A 24 -5.47 -20.39 9.46
N ARG A 25 -5.68 -19.19 8.94
CA ARG A 25 -5.29 -18.82 7.55
C ARG A 25 -4.06 -17.92 7.61
N MET A 26 -2.89 -18.49 7.91
CA MET A 26 -1.64 -17.71 8.07
C MET A 26 -1.09 -17.33 6.67
N ASP A 27 -1.47 -18.05 5.61
CA ASP A 27 -1.14 -17.63 4.22
C ASP A 27 -1.77 -16.24 3.97
N GLU A 28 -2.98 -15.99 4.48
CA GLU A 28 -3.62 -14.67 4.28
C GLU A 28 -3.02 -13.64 5.22
N VAL A 29 -2.69 -14.02 6.46
CA VAL A 29 -2.01 -13.09 7.39
C VAL A 29 -0.72 -12.55 6.73
N ARG A 30 0.05 -13.40 6.04
CA ARG A 30 1.30 -13.00 5.35
C ARG A 30 0.98 -11.84 4.38
N THR A 31 -0.03 -12.01 3.54
CA THR A 31 -0.42 -11.04 2.49
C THR A 31 -0.94 -9.77 3.15
N LEU A 32 -1.80 -9.92 4.16
CA LEU A 32 -2.40 -8.76 4.87
C LEU A 32 -1.30 -7.93 5.51
N GLN A 33 -0.31 -8.57 6.15
CA GLN A 33 0.83 -7.87 6.80
C GLN A 33 1.59 -7.09 5.71
N GLU A 34 1.88 -7.73 4.58
CA GLU A 34 2.59 -7.04 3.47
C GLU A 34 1.80 -5.83 2.98
N ASN A 35 0.48 -5.91 2.87
CA ASN A 35 -0.34 -4.78 2.34
C ASN A 35 -0.56 -3.74 3.45
N LEU A 36 -0.44 -4.13 4.71
CA LEU A 36 -0.57 -3.20 5.86
C LEU A 36 0.63 -2.23 5.88
N GLU A 37 1.82 -2.71 5.53
CA GLU A 37 3.07 -1.93 5.69
C GLU A 37 2.98 -0.63 4.92
N PRO A 38 2.61 -0.60 3.61
CA PRO A 38 2.55 0.66 2.88
C PRO A 38 1.42 1.60 3.34
N LEU A 39 0.35 1.04 3.91
CA LEU A 39 -0.74 1.89 4.47
C LEU A 39 -0.21 2.62 5.70
N TRP A 40 0.41 1.89 6.61
CA TRP A 40 1.00 2.49 7.82
C TRP A 40 2.07 3.50 7.38
N GLU A 41 2.91 3.14 6.41
CA GLU A 41 3.99 4.05 5.97
C GLU A 41 3.38 5.40 5.57
N GLU A 42 2.34 5.35 4.74
CA GLU A 42 1.66 6.57 4.22
C GLU A 42 1.08 7.35 5.40
N TYR A 43 0.38 6.68 6.28
CA TYR A 43 -0.23 7.28 7.48
C TYR A 43 0.85 7.96 8.32
N PHE A 44 1.92 7.24 8.59
CA PHE A 44 3.05 7.72 9.41
C PHE A 44 3.66 8.97 8.79
N GLN A 45 3.97 8.92 7.50
CA GLN A 45 4.69 10.05 6.84
C GLN A 45 3.77 11.26 6.80
N GLN A 46 2.45 11.08 6.69
CA GLN A 46 1.51 12.22 6.55
C GLN A 46 1.13 12.83 7.90
N THR A 47 1.02 12.05 8.98
CA THR A 47 0.38 12.52 10.24
C THR A 47 1.37 12.48 11.41
N GLU A 48 2.50 11.79 11.28
CA GLU A 48 3.44 11.62 12.42
C GLU A 48 4.81 12.15 12.01
N GLY A 49 5.58 11.40 11.23
CA GLY A 49 6.89 11.83 10.72
C GLY A 49 7.91 11.96 11.83
N SER A 50 8.98 12.71 11.54
CA SER A 50 10.14 12.90 12.43
C SER A 50 9.70 13.50 13.78
N GLY A 51 8.65 14.31 13.78
CA GLY A 51 8.10 14.89 15.02
C GLY A 51 7.00 14.06 15.67
N GLY A 52 6.80 12.85 15.14
CA GLY A 52 5.71 11.96 15.59
C GLY A 52 5.84 11.46 17.01
N SER A 53 4.74 10.90 17.52
CA SER A 53 4.71 10.32 18.89
C SER A 53 5.68 9.15 19.00
N PRO A 54 6.26 8.89 20.19
CA PRO A 54 7.16 7.75 20.37
C PRO A 54 6.55 6.42 19.89
N LEU A 55 5.26 6.18 20.18
CA LEU A 55 4.57 4.94 19.73
C LEU A 55 4.60 4.86 18.20
N ALA A 56 4.27 5.96 17.51
CA ALA A 56 4.27 5.95 16.03
C ALA A 56 5.68 5.62 15.52
N GLN A 57 6.71 6.19 16.15
CA GLN A 57 8.11 5.95 15.72
C GLN A 57 8.48 4.47 15.97
N GLN A 58 8.00 3.91 17.08
CA GLN A 58 8.28 2.50 17.44
C GLN A 58 7.62 1.57 16.42
N ILE A 59 6.38 1.89 16.03
CA ILE A 59 5.67 1.06 15.01
C ILE A 59 6.41 1.17 13.68
N GLU A 60 6.72 2.40 13.28
CA GLU A 60 7.41 2.66 11.98
C GLU A 60 8.74 1.90 11.92
N TYR A 61 9.59 2.03 12.94
CA TYR A 61 10.90 1.33 12.90
C TYR A 61 10.69 -0.18 12.98
N GLY A 62 9.68 -0.59 13.74
CA GLY A 62 9.32 -2.03 13.78
C GLY A 62 9.03 -2.57 12.39
N GLU A 63 8.30 -1.80 11.59
CA GLU A 63 8.00 -2.20 10.19
C GLU A 63 9.30 -2.24 9.37
N VAL A 64 10.22 -1.30 9.59
CA VAL A 64 11.53 -1.33 8.89
C VAL A 64 12.27 -2.62 9.25
N LEU A 65 12.31 -2.98 10.53
CA LEU A 65 12.99 -4.22 10.97
C LEU A 65 12.31 -5.45 10.34
N ILE A 66 10.99 -5.45 10.24
CA ILE A 66 10.23 -6.54 9.57
C ILE A 66 10.69 -6.64 8.12
N GLU A 67 10.75 -5.51 7.43
CA GLU A 67 11.10 -5.49 5.99
C GLU A 67 12.55 -5.94 5.79
N GLN A 68 13.44 -5.56 6.69
CA GLN A 68 14.86 -6.01 6.61
C GLN A 68 14.92 -7.53 6.81
N ALA A 69 14.19 -8.05 7.79
CA ALA A 69 14.12 -9.51 8.04
C ALA A 69 13.55 -10.20 6.80
N ARG A 70 12.51 -9.65 6.20
CA ARG A 70 11.90 -10.25 4.99
C ARG A 70 12.94 -10.28 3.87
N ALA A 71 13.67 -9.18 3.64
CA ALA A 71 14.67 -9.10 2.55
C ALA A 71 15.75 -10.19 2.74
N ALA A 72 16.07 -10.52 4.00
CA ALA A 72 17.09 -11.54 4.37
C ALA A 72 16.48 -12.95 4.39
N GLY A 73 15.18 -13.09 4.18
CA GLY A 73 14.50 -14.40 4.19
C GLY A 73 14.23 -14.91 5.60
N ARG A 74 14.43 -14.11 6.66
CA ARG A 74 14.25 -14.56 8.06
C ARG A 74 12.77 -14.45 8.42
N MET A 75 11.95 -15.32 7.85
CA MET A 75 10.49 -15.16 7.96
C MET A 75 9.99 -15.50 9.37
N ASP A 76 10.75 -16.31 10.11
CA ASP A 76 10.46 -16.55 11.55
C ASP A 76 10.58 -15.24 12.32
N GLU A 77 11.60 -14.45 12.03
CA GLU A 77 11.79 -13.10 12.65
C GLU A 77 10.67 -12.18 12.17
N VAL A 78 10.31 -12.22 10.88
CA VAL A 78 9.17 -11.42 10.38
C VAL A 78 7.95 -11.72 11.26
N ARG A 79 7.66 -12.99 11.48
CA ARG A 79 6.46 -13.36 12.25
C ARG A 79 6.55 -12.81 13.67
N ARG A 80 7.68 -13.01 14.37
CA ARG A 80 7.86 -12.54 15.77
C ARG A 80 7.67 -11.02 15.82
N LEU A 81 8.34 -10.30 14.92
CA LEU A 81 8.32 -8.82 14.95
C LEU A 81 6.92 -8.35 14.57
N SER A 82 6.29 -8.99 13.58
CA SER A 82 4.90 -8.66 13.14
C SER A 82 3.96 -8.75 14.34
N GLU A 83 4.06 -9.82 15.14
CA GLU A 83 3.16 -10.01 16.31
C GLU A 83 3.32 -8.82 17.26
N ASN A 84 4.55 -8.40 17.51
CA ASN A 84 4.85 -7.28 18.44
C ASN A 84 4.33 -5.97 17.85
N THR A 85 4.65 -5.70 16.59
CA THR A 85 4.28 -4.42 15.94
C THR A 85 2.75 -4.36 15.79
N LEU A 86 2.09 -5.47 15.47
CA LEU A 86 0.60 -5.49 15.40
C LEU A 86 0.00 -5.10 16.75
N GLN A 87 0.56 -5.58 17.86
CA GLN A 87 0.05 -5.21 19.20
C GLN A 87 0.19 -3.69 19.39
N LEU A 88 1.32 -3.12 18.98
CA LEU A 88 1.52 -1.65 19.10
C LEU A 88 0.51 -0.91 18.22
N MET A 89 0.25 -1.42 17.02
CA MET A 89 -0.72 -0.78 16.10
C MET A 89 -2.12 -0.85 16.69
N LYS A 90 -2.45 -1.95 17.34
CA LYS A 90 -3.78 -2.09 17.99
C LYS A 90 -3.90 -1.05 19.12
N GLU A 91 -2.80 -0.77 19.84
CA GLU A 91 -2.80 0.30 20.87
C GLU A 91 -3.00 1.66 20.19
N TYR A 92 -2.27 1.93 19.12
CA TYR A 92 -2.29 3.24 18.43
C TYR A 92 -3.70 3.52 17.89
N PHE A 93 -4.32 2.50 17.28
CA PHE A 93 -5.64 2.65 16.61
C PHE A 93 -6.79 2.26 17.53
N GLN A 94 -6.52 1.87 18.79
CA GLN A 94 -7.56 1.43 19.76
C GLN A 94 -8.45 0.37 19.10
N GLN A 95 -7.81 -0.63 18.51
CA GLN A 95 -8.54 -1.71 17.79
C GLN A 95 -8.55 -2.98 18.64
N GLY B 4 -11.74 9.25 -23.44
CA GLY B 4 -12.94 9.03 -22.58
C GLY B 4 -12.97 7.61 -22.02
N PRO B 5 -13.07 6.58 -22.90
CA PRO B 5 -13.08 5.18 -22.46
C PRO B 5 -11.92 4.78 -21.53
N LEU B 6 -10.73 5.22 -21.84
CA LEU B 6 -9.54 4.91 -20.99
C LEU B 6 -9.64 5.58 -19.61
N ALA B 7 -9.93 6.87 -19.57
CA ALA B 7 -10.16 7.55 -18.28
C ALA B 7 -11.23 6.76 -17.50
N GLN B 8 -12.31 6.36 -18.16
CA GLN B 8 -13.41 5.64 -17.48
C GLN B 8 -12.92 4.29 -16.94
N GLN B 9 -12.06 3.60 -17.68
CA GLN B 9 -11.54 2.30 -17.20
C GLN B 9 -10.58 2.52 -16.03
N ILE B 10 -9.84 3.62 -16.03
CA ILE B 10 -9.01 3.94 -14.83
C ILE B 10 -9.95 4.20 -13.66
N LYS B 11 -10.99 5.00 -13.84
CA LYS B 11 -11.94 5.31 -12.75
C LYS B 11 -12.61 4.02 -12.27
N ASN B 12 -12.98 3.13 -13.19
CA ASN B 12 -13.59 1.82 -12.83
C ASN B 12 -12.59 1.04 -11.96
N THR B 13 -11.33 0.99 -12.38
CA THR B 13 -10.28 0.25 -11.66
C THR B 13 -10.09 0.84 -10.26
N LEU B 14 -10.07 2.17 -10.11
CA LEU B 14 -9.95 2.80 -8.78
C LEU B 14 -11.17 2.40 -7.93
N THR B 15 -12.37 2.38 -8.50
CA THR B 15 -13.59 1.94 -7.77
C THR B 15 -13.41 0.48 -7.32
N PHE B 16 -12.97 -0.38 -8.23
CA PHE B 16 -12.77 -1.82 -7.90
C PHE B 16 -11.72 -1.93 -6.79
N ILE B 17 -10.67 -1.12 -6.80
CA ILE B 17 -9.64 -1.16 -5.72
C ILE B 17 -10.30 -0.77 -4.39
N GLY B 18 -11.10 0.28 -4.37
CA GLY B 18 -11.77 0.70 -3.12
C GLY B 18 -12.65 -0.41 -2.59
N GLN B 19 -13.37 -1.10 -3.48
CA GLN B 19 -14.27 -2.21 -3.11
C GLN B 19 -13.44 -3.40 -2.60
N ALA B 20 -12.37 -3.76 -3.29
CA ALA B 20 -11.51 -4.89 -2.88
C ALA B 20 -10.86 -4.59 -1.54
N ASN B 21 -10.43 -3.35 -1.31
CA ASN B 21 -9.86 -2.92 -0.01
C ASN B 21 -10.92 -3.06 1.09
N ALA B 22 -12.15 -2.62 0.84
CA ALA B 22 -13.24 -2.70 1.84
C ALA B 22 -13.54 -4.17 2.17
N ALA B 23 -13.34 -5.06 1.20
CA ALA B 23 -13.69 -6.50 1.32
C ALA B 23 -12.56 -7.28 2.01
N GLY B 24 -11.32 -6.83 1.88
CA GLY B 24 -10.13 -7.59 2.29
C GLY B 24 -9.62 -8.52 1.20
N ARG B 25 -9.98 -8.26 -0.06
CA ARG B 25 -9.52 -9.06 -1.22
C ARG B 25 -8.14 -8.56 -1.67
N MET B 26 -7.10 -8.88 -0.90
CA MET B 26 -5.75 -8.29 -1.11
C MET B 26 -5.18 -8.71 -2.46
N ASP B 27 -5.39 -9.96 -2.88
CA ASP B 27 -4.84 -10.44 -4.17
C ASP B 27 -5.51 -9.67 -5.31
N GLU B 28 -6.80 -9.39 -5.21
CA GLU B 28 -7.53 -8.57 -6.23
C GLU B 28 -6.97 -7.14 -6.22
N VAL B 29 -6.76 -6.56 -5.05
CA VAL B 29 -6.18 -5.19 -4.97
C VAL B 29 -4.88 -5.19 -5.77
N ARG B 30 -4.01 -6.17 -5.54
CA ARG B 30 -2.70 -6.21 -6.21
C ARG B 30 -2.89 -6.33 -7.72
N THR B 31 -3.79 -7.21 -8.16
CA THR B 31 -4.03 -7.40 -9.60
C THR B 31 -4.52 -6.08 -10.21
N LEU B 32 -5.46 -5.44 -9.53
CA LEU B 32 -6.04 -4.17 -10.03
C LEU B 32 -4.95 -3.08 -10.07
N GLN B 33 -4.06 -3.03 -9.08
CA GLN B 33 -2.95 -2.06 -9.10
C GLN B 33 -2.04 -2.34 -10.30
N GLU B 34 -1.77 -3.61 -10.57
CA GLU B 34 -0.94 -3.97 -11.75
C GLU B 34 -1.65 -3.48 -13.01
N ASN B 35 -2.97 -3.65 -13.10
CA ASN B 35 -3.79 -3.21 -14.26
C ASN B 35 -3.67 -1.69 -14.47
N LEU B 36 -3.58 -0.91 -13.39
CA LEU B 36 -3.47 0.57 -13.54
C LEU B 36 -2.21 0.95 -14.31
N GLU B 37 -1.17 0.14 -14.22
CA GLU B 37 0.11 0.49 -14.89
C GLU B 37 -0.09 0.68 -16.40
N PRO B 38 -0.50 -0.34 -17.18
CA PRO B 38 -0.69 -0.16 -18.62
C PRO B 38 -1.82 0.84 -18.93
N LEU B 39 -2.86 0.89 -18.10
CA LEU B 39 -3.98 1.84 -18.32
C LEU B 39 -3.45 3.27 -18.18
N TRP B 40 -2.72 3.55 -17.10
CA TRP B 40 -2.19 4.92 -16.89
C TRP B 40 -1.15 5.25 -17.97
N GLU B 41 -0.28 4.30 -18.32
CA GLU B 41 0.80 4.58 -19.30
C GLU B 41 0.14 5.09 -20.58
N GLU B 42 -0.87 4.37 -21.07
CA GLU B 42 -1.55 4.74 -22.33
C GLU B 42 -2.24 6.09 -22.14
N TYR B 43 -2.98 6.27 -21.06
CA TYR B 43 -3.69 7.54 -20.78
C TYR B 43 -2.69 8.71 -20.74
N PHE B 44 -1.58 8.52 -20.04
CA PHE B 44 -0.54 9.56 -19.89
C PHE B 44 0.00 9.95 -21.27
N GLN B 45 0.34 8.97 -22.10
CA GLN B 45 1.01 9.27 -23.38
C GLN B 45 0.00 9.95 -24.30
N GLN B 46 -1.29 9.60 -24.21
CA GLN B 46 -2.33 10.15 -25.13
C GLN B 46 -2.78 11.54 -24.69
N THR B 47 -2.79 11.84 -23.39
CA THR B 47 -3.51 13.05 -22.87
C THR B 47 -2.60 14.03 -22.13
N GLU B 48 -1.43 13.59 -21.66
CA GLU B 48 -0.57 14.43 -20.79
C GLU B 48 0.80 14.59 -21.45
N GLY B 49 1.65 13.56 -21.40
CA GLY B 49 2.99 13.57 -22.01
C GLY B 49 3.93 14.56 -21.34
N SER B 50 5.05 14.86 -22.02
CA SER B 50 6.16 15.71 -21.53
C SER B 50 5.64 17.12 -21.18
N GLY B 51 4.61 17.60 -21.87
CA GLY B 51 3.99 18.91 -21.63
C GLY B 51 2.82 18.86 -20.67
N GLY B 52 2.59 17.71 -20.03
CA GLY B 52 1.45 17.51 -19.14
C GLY B 52 1.65 18.14 -17.77
N SER B 53 0.67 17.96 -16.90
CA SER B 53 0.70 18.59 -15.55
C SER B 53 1.81 17.96 -14.72
N PRO B 54 2.42 18.71 -13.78
CA PRO B 54 3.41 18.11 -12.90
C PRO B 54 2.87 16.85 -12.19
N LEU B 55 1.61 16.87 -11.76
CA LEU B 55 1.03 15.67 -11.09
C LEU B 55 1.02 14.49 -12.05
N ALA B 56 0.61 14.71 -13.30
CA ALA B 56 0.61 13.61 -14.29
C ALA B 56 2.05 13.09 -14.44
N GLN B 57 3.02 13.98 -14.54
CA GLN B 57 4.43 13.54 -14.70
C GLN B 57 4.90 12.80 -13.45
N GLN B 58 4.44 13.21 -12.26
CA GLN B 58 4.83 12.55 -10.99
C GLN B 58 4.23 11.14 -10.93
N ILE B 59 2.98 10.98 -11.37
CA ILE B 59 2.37 9.63 -11.43
C ILE B 59 3.17 8.76 -12.40
N GLU B 60 3.51 9.30 -13.57
CA GLU B 60 4.30 8.55 -14.57
C GLU B 60 5.63 8.14 -13.96
N TYR B 61 6.30 9.07 -13.28
CA TYR B 61 7.60 8.78 -12.61
C TYR B 61 7.40 7.65 -11.60
N GLY B 62 6.32 7.73 -10.83
CA GLY B 62 6.01 6.69 -9.84
C GLY B 62 5.88 5.31 -10.49
N GLU B 63 5.17 5.26 -11.62
CA GLU B 63 4.99 3.98 -12.37
C GLU B 63 6.34 3.43 -12.83
N VAL B 64 7.22 4.31 -13.31
CA VAL B 64 8.60 3.91 -13.71
C VAL B 64 9.34 3.35 -12.49
N LEU B 65 9.29 4.06 -11.35
CA LEU B 65 10.00 3.57 -10.14
C LEU B 65 9.43 2.23 -9.70
N ILE B 66 8.10 2.07 -9.79
CA ILE B 66 7.46 0.79 -9.37
C ILE B 66 8.03 -0.35 -10.22
N GLU B 67 8.07 -0.15 -11.54
CA GLU B 67 8.55 -1.22 -12.47
C GLU B 67 10.05 -1.46 -12.30
N GLN B 68 10.83 -0.42 -11.99
CA GLN B 68 12.28 -0.61 -11.76
C GLN B 68 12.47 -1.42 -10.48
N ALA B 69 11.68 -1.11 -9.44
CA ALA B 69 11.79 -1.87 -8.18
C ALA B 69 11.33 -3.31 -8.42
N ARG B 70 10.27 -3.47 -9.20
CA ARG B 70 9.76 -4.83 -9.48
C ARG B 70 10.83 -5.64 -10.22
N ALA B 71 11.51 -5.03 -11.18
CA ALA B 71 12.56 -5.73 -11.96
C ALA B 71 13.73 -6.14 -11.05
N ALA B 72 14.04 -5.32 -10.04
CA ALA B 72 15.13 -5.58 -9.08
C ALA B 72 14.66 -6.53 -7.98
N GLY B 73 13.39 -6.90 -7.94
CA GLY B 73 12.80 -7.80 -6.93
C GLY B 73 12.62 -7.13 -5.57
N ARG B 74 12.59 -5.80 -5.53
CA ARG B 74 12.42 -5.01 -4.29
C ARG B 74 10.92 -4.82 -4.03
N MET B 75 10.23 -5.87 -3.58
CA MET B 75 8.75 -5.93 -3.60
C MET B 75 8.16 -5.09 -2.47
N ASP B 76 8.85 -4.90 -1.34
CA ASP B 76 8.31 -3.96 -0.30
C ASP B 76 8.36 -2.53 -0.86
N GLU B 77 9.39 -2.20 -1.63
CA GLU B 77 9.48 -0.88 -2.32
C GLU B 77 8.36 -0.77 -3.36
N VAL B 78 8.12 -1.83 -4.13
CA VAL B 78 6.99 -1.87 -5.10
C VAL B 78 5.70 -1.52 -4.36
N ARG B 79 5.46 -2.16 -3.23
CA ARG B 79 4.17 -1.97 -2.52
C ARG B 79 4.10 -0.53 -1.98
N ARG B 80 5.19 0.00 -1.45
CA ARG B 80 5.22 1.39 -0.90
C ARG B 80 4.96 2.38 -2.04
N LEU B 81 5.69 2.25 -3.15
CA LEU B 81 5.52 3.16 -4.30
C LEU B 81 4.11 3.01 -4.89
N SER B 82 3.57 1.80 -4.91
CA SER B 82 2.23 1.53 -5.50
C SER B 82 1.17 2.26 -4.67
N GLU B 83 1.29 2.23 -3.34
CA GLU B 83 0.29 2.92 -2.49
C GLU B 83 0.38 4.45 -2.73
N ASN B 84 1.60 4.97 -2.79
CA ASN B 84 1.79 6.44 -2.93
C ASN B 84 1.26 6.88 -4.30
N THR B 85 1.57 6.10 -5.33
CA THR B 85 1.14 6.46 -6.70
C THR B 85 -0.39 6.34 -6.82
N LEU B 86 -0.99 5.35 -6.15
CA LEU B 86 -2.46 5.19 -6.13
C LEU B 86 -3.07 6.48 -5.53
N GLN B 87 -2.49 6.97 -4.45
CA GLN B 87 -3.06 8.19 -3.82
C GLN B 87 -2.91 9.37 -4.78
N LEU B 88 -1.81 9.46 -5.54
CA LEU B 88 -1.67 10.54 -6.54
C LEU B 88 -2.72 10.38 -7.64
N MET B 89 -2.96 9.15 -8.08
CA MET B 89 -4.00 8.92 -9.12
C MET B 89 -5.38 9.30 -8.58
N LYS B 90 -5.67 8.99 -7.32
CA LYS B 90 -6.96 9.38 -6.71
C LYS B 90 -7.08 10.91 -6.65
N GLU B 91 -5.98 11.62 -6.43
CA GLU B 91 -5.98 13.11 -6.47
C GLU B 91 -6.27 13.57 -7.90
N TYR B 92 -5.60 12.99 -8.89
CA TYR B 92 -5.73 13.38 -10.31
C TYR B 92 -7.18 13.20 -10.76
N PHE B 93 -7.78 12.06 -10.40
CA PHE B 93 -9.14 11.69 -10.86
C PHE B 93 -10.22 12.12 -9.85
N GLN B 94 -9.82 12.75 -8.73
CA GLN B 94 -10.72 13.19 -7.64
C GLN B 94 -11.66 12.03 -7.27
N GLN B 95 -11.08 10.84 -7.04
CA GLN B 95 -11.79 9.59 -6.69
C GLN B 95 -11.91 9.49 -5.17
#